data_5EKF
#
_entry.id   5EKF
#
_cell.length_a   78.589
_cell.length_b   89.542
_cell.length_c   99.801
_cell.angle_alpha   90.00
_cell.angle_beta   90.00
_cell.angle_gamma   90.00
#
_symmetry.space_group_name_H-M   'P 21 21 21'
#
loop_
_entity.id
_entity.type
_entity.pdbx_description
1 polymer 'DNA repair protein complementing XP-G cells'
2 polymer 'Importin subunit alpha-1'
3 water water
#
loop_
_entity_poly.entity_id
_entity_poly.type
_entity_poly.pdbx_seq_one_letter_code
_entity_poly.pdbx_strand_id
1 'polypeptide(L)' KTQKRGITNTLEESSSLKRKRLSD B,C
2 'polypeptide(L)'
;MHHHHHHSSGLVPRGSGMKETAAAKFERQHMDSPDLGTDDDDKAMADIGSNQGTVNWSVEDIVKGINSNNLESQLQATQA
ARKLLSREKQPPIDNIIRAGLIPKFVSFLGKTDCSPIQFESAWALTNIASGTSEQTKAVVDGGAIPAFISLLASPHAHIS
EQAVWALGNIAGDGSAFRDLVIKHGAIDPLLALLAVPDLSTLACGYLRNLTWTLSNLCRNKNPAPPLDAVEQILPTLVRL
LHHNDPEVLADSCWAISYLTDGPNERIEMVVKKGVVPQLVKLLGATELPIVTPALRAIGNIVTGTDEQTQKVIDAGALAV
FPSLLTNPKTNIQKEATWTMSNITAGRQDQIQQVVNHGLVPFLVGVLSKADFKTQKEAAWAITNYTSGGTVEQIVYLVHC
GIIEPLMNLLSAKDTKIIQVILDAISNIFQAAEKLGETEKLSIMIEECGGLDKIEALQRHENESVYKASLNLIEKYFSVE
EEEDQNVVPETTSEGFAFQVQDGAPGTFNF
;
A
#
# COMPACT_ATOMS: atom_id res chain seq x y z
N SER A 16 -17.72 9.16 -8.48
CA SER A 16 -18.41 10.31 -7.90
C SER A 16 -18.76 10.04 -6.44
N LEU A 17 -19.27 8.85 -6.16
CA LEU A 17 -19.38 8.38 -4.79
C LEU A 17 -18.08 7.67 -4.40
N LYS A 18 -17.16 7.56 -5.37
CA LYS A 18 -15.89 6.89 -5.14
C LYS A 18 -15.09 7.62 -4.08
N ARG A 19 -14.37 6.87 -3.24
N ARG A 19 -14.36 6.87 -3.26
CA ARG A 19 -13.51 7.49 -2.23
CA ARG A 19 -13.51 7.47 -2.24
C ARG A 19 -12.07 6.97 -2.36
C ARG A 19 -12.08 6.96 -2.37
N LYS A 20 -11.17 7.84 -2.78
CA LYS A 20 -9.76 7.51 -2.90
C LYS A 20 -9.19 7.19 -1.53
N ARG A 21 -7.97 6.65 -1.49
CA ARG A 21 -7.38 6.19 -0.25
C ARG A 21 -6.98 7.34 0.68
N SER B 14 3.29 -0.96 5.30
CA SER B 14 3.58 -1.52 3.99
C SER B 14 4.73 -2.49 4.10
N SER B 15 5.52 -2.62 3.03
CA SER B 15 6.85 -3.18 3.15
C SER B 15 7.69 -2.01 3.66
N SER B 16 8.82 -2.29 4.30
CA SER B 16 9.59 -1.23 4.94
C SER B 16 10.11 -0.21 3.91
N LEU B 17 10.15 1.06 4.30
CA LEU B 17 10.74 2.11 3.48
C LEU B 17 12.22 1.83 3.23
N LYS B 18 12.90 1.41 4.30
CA LYS B 18 14.34 1.23 4.27
C LYS B 18 14.71 -0.04 5.01
N ARG B 19 15.86 -0.60 4.66
CA ARG B 19 16.28 -1.90 5.15
C ARG B 19 17.74 -1.85 5.52
N LYS B 20 18.04 -2.27 6.74
CA LYS B 20 19.43 -2.37 7.17
C LYS B 20 19.93 -3.77 6.84
N ARG B 21 21.15 -3.90 6.32
CA ARG B 21 21.69 -5.24 6.13
C ARG B 21 22.46 -5.70 7.38
N LEU B 22 21.98 -6.79 7.99
CA LEU B 22 22.56 -7.32 9.22
C LEU B 22 23.59 -8.41 8.98
N SER B 23 24.32 -8.77 10.03
CA SER B 23 25.30 -9.86 9.97
C SER B 23 24.62 -11.22 9.78
N GLY C 53 39.06 -10.00 14.50
CA GLY C 53 39.84 -9.22 13.56
C GLY C 53 39.30 -7.80 13.40
N THR C 54 38.11 -7.69 12.82
CA THR C 54 37.48 -6.40 12.62
C THR C 54 36.23 -6.22 13.49
N VAL C 55 36.14 -7.01 14.55
CA VAL C 55 34.99 -6.96 15.45
C VAL C 55 35.13 -5.91 16.56
N ASN C 56 34.13 -5.04 16.65
CA ASN C 56 34.02 -4.04 17.72
C ASN C 56 35.18 -3.03 17.79
N TRP C 57 35.57 -2.47 16.64
CA TRP C 57 36.51 -1.35 16.65
C TRP C 57 35.86 -0.10 17.18
N SER C 58 36.67 0.81 17.69
CA SER C 58 36.21 2.16 18.00
C SER C 58 36.13 2.99 16.71
N VAL C 59 35.32 4.04 16.72
CA VAL C 59 35.25 4.92 15.55
C VAL C 59 36.61 5.56 15.32
N GLU C 60 37.32 5.87 16.40
CA GLU C 60 38.66 6.45 16.32
C GLU C 60 39.59 5.52 15.54
N ASP C 61 39.56 4.23 15.87
CA ASP C 61 40.40 3.24 15.18
C ASP C 61 40.02 3.17 13.70
N ILE C 62 38.72 3.20 13.43
CA ILE C 62 38.25 3.14 12.05
C ILE C 62 38.79 4.32 11.26
N VAL C 63 38.69 5.52 11.84
CA VAL C 63 39.20 6.71 11.20
C VAL C 63 40.70 6.61 10.92
N LYS C 64 41.43 6.10 11.91
CA LYS C 64 42.89 5.98 11.79
C LYS C 64 43.26 5.09 10.60
N GLY C 65 42.55 3.97 10.47
CA GLY C 65 42.80 3.05 9.36
C GLY C 65 42.41 3.61 8.01
N ILE C 66 41.27 4.29 7.96
CA ILE C 66 40.76 4.82 6.69
C ILE C 66 41.64 5.97 6.19
N ASN C 67 42.24 6.69 7.15
CA ASN C 67 43.16 7.79 6.87
C ASN C 67 44.61 7.38 6.61
N SER C 68 44.92 6.10 6.74
CA SER C 68 46.26 5.62 6.43
C SER C 68 46.48 5.71 4.93
N ASN C 69 47.71 5.69 4.46
CA ASN C 69 47.90 5.72 3.01
C ASN C 69 47.88 4.31 2.42
N ASN C 70 47.17 3.40 3.07
CA ASN C 70 47.37 1.96 2.84
C ASN C 70 46.04 1.28 2.54
N LEU C 71 45.91 0.81 1.30
CA LEU C 71 44.63 0.27 0.82
C LEU C 71 44.12 -0.89 1.67
N GLU C 72 45.02 -1.78 2.10
CA GLU C 72 44.61 -2.90 2.94
C GLU C 72 44.19 -2.42 4.33
N SER C 73 44.95 -1.51 4.91
CA SER C 73 44.52 -0.91 6.18
C SER C 73 43.14 -0.25 6.02
N GLN C 74 42.92 0.38 4.87
CA GLN C 74 41.64 1.05 4.62
C GLN C 74 40.52 0.04 4.49
N LEU C 75 40.82 -1.07 3.84
CA LEU C 75 39.86 -2.16 3.70
C LEU C 75 39.48 -2.73 5.06
N GLN C 76 40.48 -3.01 5.89
CA GLN C 76 40.21 -3.58 7.22
C GLN C 76 39.35 -2.62 8.04
N ALA C 77 39.68 -1.33 8.01
CA ALA C 77 38.91 -0.34 8.77
C ALA C 77 37.49 -0.20 8.22
N THR C 78 37.35 -0.29 6.91
CA THR C 78 36.02 -0.17 6.29
C THR C 78 35.15 -1.37 6.65
N GLN C 79 35.74 -2.55 6.62
CA GLN C 79 35.02 -3.73 7.08
C GLN C 79 34.64 -3.60 8.56
N ALA C 80 35.56 -3.07 9.38
CA ALA C 80 35.24 -2.81 10.78
C ALA C 80 34.03 -1.87 10.92
N ALA C 81 33.99 -0.83 10.09
CA ALA C 81 32.85 0.10 10.06
C ALA C 81 31.56 -0.61 9.66
N ARG C 82 31.65 -1.47 8.66
CA ARG C 82 30.47 -2.23 8.24
C ARG C 82 29.92 -3.12 9.36
N LYS C 83 30.81 -3.74 10.13
CA LYS C 83 30.36 -4.59 11.22
C LYS C 83 29.70 -3.76 12.32
N LEU C 84 30.30 -2.62 12.64
CA LEU C 84 29.69 -1.67 13.58
C LEU C 84 28.29 -1.27 13.12
N LEU C 85 28.17 -0.94 11.84
CA LEU C 85 26.93 -0.43 11.29
C LEU C 85 25.90 -1.53 11.09
N SER C 86 26.34 -2.78 11.18
CA SER C 86 25.46 -3.92 10.98
C SER C 86 24.82 -4.45 12.26
N ARG C 87 25.24 -3.95 13.42
CA ARG C 87 24.73 -4.52 14.66
C ARG C 87 23.31 -4.01 14.91
N GLU C 88 22.48 -4.87 15.51
CA GLU C 88 21.07 -4.56 15.71
C GLU C 88 20.90 -3.45 16.75
N LYS C 89 21.69 -3.52 17.81
CA LYS C 89 21.57 -2.58 18.92
C LYS C 89 22.29 -1.26 18.65
N GLN C 90 21.51 -0.26 18.22
CA GLN C 90 21.95 1.13 18.12
C GLN C 90 23.29 1.33 17.43
N PRO C 91 23.35 1.08 16.11
CA PRO C 91 24.59 1.30 15.38
C PRO C 91 24.99 2.78 15.44
N PRO C 92 26.28 3.08 15.64
CA PRO C 92 26.71 4.47 15.78
C PRO C 92 26.75 5.21 14.44
N ILE C 93 25.61 5.34 13.79
CA ILE C 93 25.54 6.00 12.49
C ILE C 93 26.04 7.44 12.56
N ASP C 94 25.53 8.21 13.52
CA ASP C 94 25.86 9.64 13.56
C ASP C 94 27.32 9.89 13.88
N ASN C 95 27.89 9.05 14.72
CA ASN C 95 29.32 9.13 15.04
C ASN C 95 30.17 8.91 13.79
N ILE C 96 29.78 7.91 13.01
CA ILE C 96 30.43 7.61 11.73
C ILE C 96 30.28 8.80 10.79
N ILE C 97 29.08 9.36 10.71
CA ILE C 97 28.87 10.55 9.89
C ILE C 97 29.75 11.70 10.40
N ARG C 98 29.69 11.98 11.70
CA ARG C 98 30.43 13.10 12.25
C ARG C 98 31.95 12.93 12.10
N ALA C 99 32.43 11.69 12.02
CA ALA C 99 33.86 11.46 11.79
C ALA C 99 34.27 11.80 10.36
N GLY C 100 33.30 12.14 9.52
CA GLY C 100 33.60 12.49 8.14
C GLY C 100 33.89 11.31 7.23
N LEU C 101 33.37 10.13 7.55
CA LEU C 101 33.75 8.93 6.80
C LEU C 101 32.98 8.73 5.48
N ILE C 102 31.86 9.43 5.30
CA ILE C 102 31.03 9.15 4.12
C ILE C 102 31.75 9.45 2.79
N PRO C 103 32.40 10.62 2.65
CA PRO C 103 33.15 10.83 1.40
C PRO C 103 34.22 9.77 1.14
N LYS C 104 34.85 9.28 2.20
CA LYS C 104 35.84 8.22 2.04
C LYS C 104 35.18 6.96 1.52
N PHE C 105 34.08 6.56 2.16
CA PHE C 105 33.33 5.39 1.68
C PHE C 105 32.93 5.54 0.22
N VAL C 106 32.42 6.71 -0.13
CA VAL C 106 31.98 6.91 -1.51
C VAL C 106 33.16 6.79 -2.48
N SER C 107 34.32 7.31 -2.11
CA SER C 107 35.46 7.18 -3.03
C SER C 107 35.88 5.71 -3.15
N PHE C 108 35.72 4.93 -2.08
CA PHE C 108 36.05 3.50 -2.14
C PHE C 108 35.14 2.73 -3.10
N LEU C 109 33.93 3.25 -3.35
CA LEU C 109 33.01 2.62 -4.29
C LEU C 109 33.62 2.58 -5.68
N GLY C 110 34.46 3.56 -5.97
CA GLY C 110 35.07 3.65 -7.29
C GLY C 110 36.35 2.84 -7.47
N LYS C 111 36.77 2.11 -6.45
CA LYS C 111 38.03 1.34 -6.55
C LYS C 111 37.85 -0.03 -7.18
N THR C 112 37.72 -0.05 -8.50
CA THR C 112 37.47 -1.27 -9.25
C THR C 112 38.57 -2.32 -9.06
N ASP C 113 39.76 -1.85 -8.72
CA ASP C 113 40.91 -2.72 -8.53
C ASP C 113 40.83 -3.46 -7.19
N CYS C 114 39.96 -2.99 -6.31
CA CYS C 114 39.80 -3.63 -5.00
C CYS C 114 38.33 -3.90 -4.71
N SER C 115 37.79 -4.94 -5.33
CA SER C 115 36.38 -5.27 -5.15
C SER C 115 35.96 -5.47 -3.68
N PRO C 116 36.82 -6.07 -2.84
CA PRO C 116 36.40 -6.12 -1.41
C PRO C 116 36.06 -4.77 -0.77
N ILE C 117 36.85 -3.72 -1.04
CA ILE C 117 36.57 -2.45 -0.36
C ILE C 117 35.35 -1.78 -0.99
N GLN C 118 35.10 -2.06 -2.28
CA GLN C 118 33.86 -1.61 -2.92
C GLN C 118 32.65 -2.19 -2.18
N PHE C 119 32.73 -3.49 -1.90
CA PHE C 119 31.63 -4.19 -1.24
C PHE C 119 31.43 -3.70 0.19
N GLU C 120 32.53 -3.60 0.94
CA GLU C 120 32.46 -3.20 2.35
C GLU C 120 31.91 -1.79 2.48
N SER C 121 32.37 -0.88 1.63
CA SER C 121 31.88 0.50 1.68
C SER C 121 30.43 0.59 1.22
N ALA C 122 30.06 -0.20 0.22
CA ALA C 122 28.66 -0.22 -0.24
C ALA C 122 27.74 -0.66 0.88
N TRP C 123 28.17 -1.70 1.60
CA TRP C 123 27.40 -2.22 2.72
C TRP C 123 27.32 -1.16 3.83
N ALA C 124 28.46 -0.59 4.20
CA ALA C 124 28.49 0.46 5.21
C ALA C 124 27.52 1.59 4.84
N LEU C 125 27.58 2.02 3.58
CA LEU C 125 26.78 3.16 3.15
C LEU C 125 25.30 2.77 3.10
N THR C 126 25.04 1.54 2.71
CA THR C 126 23.67 1.01 2.68
C THR C 126 23.05 1.20 4.06
N ASN C 127 23.81 0.89 5.08
CA ASN C 127 23.25 0.88 6.42
C ASN C 127 23.15 2.27 7.01
N ILE C 128 24.03 3.17 6.59
CA ILE C 128 23.84 4.57 6.95
C ILE C 128 22.54 5.09 6.31
N ALA C 129 22.37 4.79 5.02
CA ALA C 129 21.19 5.26 4.27
C ALA C 129 19.89 4.64 4.75
N SER C 130 19.97 3.55 5.52
CA SER C 130 18.77 2.87 6.03
C SER C 130 18.19 3.61 7.24
N GLY C 131 18.88 4.66 7.67
CA GLY C 131 18.48 5.37 8.88
C GLY C 131 17.50 6.50 8.65
N THR C 132 17.65 7.57 9.42
CA THR C 132 16.77 8.73 9.31
C THR C 132 16.94 9.45 7.98
N SER C 133 16.03 10.36 7.66
CA SER C 133 16.20 11.17 6.46
C SER C 133 17.49 11.98 6.49
N GLU C 134 17.86 12.50 7.66
CA GLU C 134 19.12 13.24 7.77
C GLU C 134 20.31 12.32 7.46
N GLN C 135 20.24 11.09 7.92
CA GLN C 135 21.30 10.13 7.65
C GLN C 135 21.34 9.72 6.18
N THR C 136 20.18 9.47 5.58
CA THR C 136 20.14 9.20 4.15
C THR C 136 20.70 10.36 3.35
N LYS C 137 20.34 11.59 3.75
CA LYS C 137 20.83 12.78 3.07
C LYS C 137 22.37 12.87 3.08
N ALA C 138 22.97 12.50 4.20
CA ALA C 138 24.43 12.57 4.32
C ALA C 138 25.05 11.69 3.26
N VAL C 139 24.43 10.54 3.03
CA VAL C 139 24.91 9.62 2.01
C VAL C 139 24.76 10.23 0.61
N VAL C 140 23.59 10.75 0.32
CA VAL C 140 23.37 11.41 -0.96
C VAL C 140 24.34 12.60 -1.12
N ASP C 141 24.47 13.42 -0.08
CA ASP C 141 25.34 14.59 -0.14
C ASP C 141 26.81 14.23 -0.40
N GLY C 142 27.19 12.98 -0.10
CA GLY C 142 28.56 12.54 -0.34
C GLY C 142 28.80 12.06 -1.76
N GLY C 143 27.78 12.19 -2.62
CA GLY C 143 27.91 11.79 -4.01
C GLY C 143 27.65 10.31 -4.25
N ALA C 144 26.95 9.66 -3.33
CA ALA C 144 26.77 8.21 -3.42
C ALA C 144 25.90 7.76 -4.59
N ILE C 145 24.96 8.60 -5.03
CA ILE C 145 24.00 8.11 -6.03
C ILE C 145 24.67 7.69 -7.34
N PRO C 146 25.46 8.60 -7.97
CA PRO C 146 26.07 8.13 -9.22
C PRO C 146 27.09 7.02 -9.00
N ALA C 147 27.73 6.98 -7.84
CA ALA C 147 28.72 5.93 -7.58
C ALA C 147 28.04 4.57 -7.47
N PHE C 148 26.89 4.51 -6.80
CA PHE C 148 26.13 3.26 -6.73
C PHE C 148 25.59 2.82 -8.06
N ILE C 149 25.11 3.77 -8.85
CA ILE C 149 24.57 3.42 -10.16
C ILE C 149 25.68 2.83 -11.01
N SER C 150 26.90 3.35 -10.90
CA SER C 150 28.04 2.76 -11.61
C SER C 150 28.30 1.32 -11.17
N LEU C 151 28.04 1.04 -9.90
CA LEU C 151 28.29 -0.29 -9.36
C LEU C 151 27.24 -1.32 -9.79
N LEU C 152 26.10 -0.86 -10.30
CA LEU C 152 25.10 -1.78 -10.83
C LEU C 152 25.70 -2.65 -11.94
N ALA C 153 26.69 -2.11 -12.64
CA ALA C 153 27.31 -2.84 -13.74
C ALA C 153 28.50 -3.72 -13.29
N SER C 154 28.74 -3.81 -11.99
CA SER C 154 29.83 -4.64 -11.48
C SER C 154 29.73 -6.09 -11.94
N PRO C 155 30.89 -6.68 -12.31
CA PRO C 155 31.02 -8.11 -12.61
C PRO C 155 30.68 -8.97 -11.40
N HIS C 156 30.82 -8.40 -10.21
CA HIS C 156 30.56 -9.14 -8.97
C HIS C 156 29.13 -8.97 -8.53
N ALA C 157 28.39 -10.08 -8.51
CA ALA C 157 26.96 -10.02 -8.23
C ALA C 157 26.69 -9.51 -6.82
N HIS C 158 27.54 -9.86 -5.86
CA HIS C 158 27.28 -9.43 -4.50
C HIS C 158 27.48 -7.92 -4.37
N ILE C 159 28.28 -7.34 -5.25
CA ILE C 159 28.51 -5.90 -5.22
C ILE C 159 27.38 -5.14 -5.93
N SER C 160 26.99 -5.60 -7.10
CA SER C 160 25.85 -4.96 -7.78
C SER C 160 24.60 -5.06 -6.90
N GLU C 161 24.40 -6.20 -6.25
CA GLU C 161 23.28 -6.38 -5.31
C GLU C 161 23.28 -5.34 -4.19
N GLN C 162 24.47 -5.07 -3.66
CA GLN C 162 24.59 -4.13 -2.55
C GLN C 162 24.24 -2.75 -3.03
N ALA C 163 24.64 -2.46 -4.28
CA ALA C 163 24.33 -1.18 -4.90
C ALA C 163 22.83 -1.03 -5.11
N VAL C 164 22.21 -2.11 -5.59
CA VAL C 164 20.75 -2.14 -5.71
C VAL C 164 20.09 -1.83 -4.37
N TRP C 165 20.56 -2.50 -3.33
CA TRP C 165 20.05 -2.32 -1.97
C TRP C 165 20.19 -0.87 -1.51
N ALA C 166 21.38 -0.30 -1.70
CA ALA C 166 21.63 1.05 -1.24
C ALA C 166 20.70 2.04 -1.93
N LEU C 167 20.54 1.88 -3.25
CA LEU C 167 19.66 2.76 -4.01
C LEU C 167 18.20 2.63 -3.55
N GLY C 168 17.80 1.43 -3.14
CA GLY C 168 16.47 1.20 -2.57
C GLY C 168 16.24 2.03 -1.32
N ASN C 169 17.24 2.06 -0.43
CA ASN C 169 17.15 2.89 0.77
C ASN C 169 17.09 4.37 0.46
N ILE C 170 17.88 4.80 -0.50
CA ILE C 170 17.91 6.20 -0.87
C ILE C 170 16.57 6.62 -1.48
N ALA C 171 16.09 5.84 -2.44
CA ALA C 171 14.82 6.13 -3.08
C ALA C 171 13.68 6.04 -2.09
N GLY C 172 13.81 5.13 -1.13
CA GLY C 172 12.75 4.89 -0.17
C GLY C 172 12.55 6.03 0.82
N ASP C 173 13.51 6.94 0.88
CA ASP C 173 13.40 8.07 1.80
C ASP C 173 12.23 9.01 1.46
N GLY C 174 11.95 9.18 0.18
CA GLY C 174 10.87 10.09 -0.19
C GLY C 174 10.91 10.43 -1.66
N SER C 175 9.91 11.20 -2.10
CA SER C 175 9.74 11.59 -3.50
C SER C 175 10.96 12.24 -4.10
N ALA C 176 11.53 13.21 -3.38
CA ALA C 176 12.69 13.94 -3.86
C ALA C 176 13.86 13.02 -4.18
N PHE C 177 14.31 12.22 -3.21
CA PHE C 177 15.46 11.34 -3.48
C PHE C 177 15.12 10.26 -4.51
N ARG C 178 13.87 9.78 -4.47
CA ARG C 178 13.38 8.85 -5.49
C ARG C 178 13.61 9.45 -6.87
N ASP C 179 13.11 10.66 -7.06
CA ASP C 179 13.21 11.31 -8.36
C ASP C 179 14.65 11.65 -8.69
N LEU C 180 15.46 11.90 -7.68
CA LEU C 180 16.88 12.18 -7.92
C LEU C 180 17.63 10.92 -8.37
N VAL C 181 17.30 9.80 -7.75
CA VAL C 181 17.85 8.51 -8.18
C VAL C 181 17.46 8.22 -9.65
N ILE C 182 16.21 8.48 -9.98
CA ILE C 182 15.76 8.33 -11.36
C ILE C 182 16.49 9.28 -12.32
N LYS C 183 16.68 10.53 -11.92
CA LYS C 183 17.38 11.48 -12.80
C LYS C 183 18.84 11.08 -13.05
N HIS C 184 19.50 10.44 -12.08
CA HIS C 184 20.88 10.01 -12.27
C HIS C 184 20.98 8.78 -13.18
N GLY C 185 19.83 8.26 -13.62
CA GLY C 185 19.79 7.20 -14.61
C GLY C 185 19.75 5.78 -14.06
N ALA C 186 19.18 5.59 -12.87
CA ALA C 186 19.24 4.28 -12.24
C ALA C 186 18.33 3.23 -12.92
N ILE C 187 17.23 3.66 -13.54
CA ILE C 187 16.24 2.68 -13.99
C ILE C 187 16.78 1.73 -15.07
N ASP C 188 17.48 2.25 -16.07
CA ASP C 188 17.99 1.38 -17.13
C ASP C 188 18.93 0.28 -16.62
N PRO C 189 19.98 0.62 -15.84
CA PRO C 189 20.82 -0.49 -15.39
C PRO C 189 20.11 -1.46 -14.41
N LEU C 190 19.15 -0.96 -13.65
CA LEU C 190 18.39 -1.84 -12.76
C LEU C 190 17.60 -2.84 -13.57
N LEU C 191 16.84 -2.34 -14.54
CA LEU C 191 16.04 -3.21 -15.39
C LEU C 191 16.91 -4.19 -16.17
N ALA C 192 18.09 -3.72 -16.59
CA ALA C 192 19.00 -4.59 -17.34
C ALA C 192 19.41 -5.80 -16.50
N LEU C 193 19.48 -5.65 -15.19
CA LEU C 193 19.85 -6.78 -14.32
C LEU C 193 18.78 -7.87 -14.38
N LEU C 194 17.56 -7.49 -14.77
CA LEU C 194 16.45 -8.44 -14.86
C LEU C 194 16.17 -8.90 -16.29
N ALA C 195 16.99 -8.47 -17.24
CA ALA C 195 16.74 -8.83 -18.64
C ALA C 195 17.32 -10.22 -18.91
N VAL C 196 16.66 -11.23 -18.35
CA VAL C 196 17.07 -12.62 -18.55
C VAL C 196 15.85 -13.40 -19.04
N PRO C 197 16.07 -14.52 -19.73
CA PRO C 197 14.91 -15.26 -20.25
C PRO C 197 14.04 -15.80 -19.13
N ASP C 198 14.64 -16.16 -18.01
CA ASP C 198 13.91 -16.79 -16.92
C ASP C 198 14.42 -16.31 -15.58
N LEU C 199 13.57 -15.54 -14.89
CA LEU C 199 13.92 -14.96 -13.59
C LEU C 199 14.41 -16.01 -12.61
N SER C 200 13.98 -17.26 -12.79
CA SER C 200 14.35 -18.33 -11.87
C SER C 200 15.86 -18.63 -11.86
N THR C 201 16.59 -18.16 -12.87
CA THR C 201 18.03 -18.40 -12.88
C THR C 201 18.77 -17.42 -11.98
N LEU C 202 18.11 -16.34 -11.58
CA LEU C 202 18.77 -15.37 -10.72
C LEU C 202 18.79 -15.89 -9.29
N ALA C 203 19.79 -15.49 -8.51
CA ALA C 203 19.82 -15.82 -7.09
C ALA C 203 18.58 -15.24 -6.43
N CYS C 204 18.00 -16.01 -5.52
CA CYS C 204 16.75 -15.62 -4.88
C CYS C 204 16.87 -14.29 -4.14
N GLY C 205 17.86 -14.16 -3.26
CA GLY C 205 18.05 -12.92 -2.50
C GLY C 205 18.26 -11.73 -3.40
N TYR C 206 19.00 -11.97 -4.49
CA TYR C 206 19.32 -10.94 -5.48
C TYR C 206 18.03 -10.43 -6.14
N LEU C 207 17.18 -11.34 -6.58
CA LEU C 207 15.92 -10.98 -7.21
C LEU C 207 15.01 -10.24 -6.22
N ARG C 208 14.94 -10.70 -4.98
CA ARG C 208 14.14 -10.02 -3.96
C ARG C 208 14.56 -8.57 -3.73
N ASN C 209 15.88 -8.36 -3.65
CA ASN C 209 16.39 -7.00 -3.48
C ASN C 209 16.06 -6.11 -4.67
N LEU C 210 16.26 -6.61 -5.87
CA LEU C 210 15.89 -5.87 -7.07
C LEU C 210 14.42 -5.51 -7.07
N THR C 211 13.57 -6.48 -6.74
CA THR C 211 12.14 -6.21 -6.72
C THR C 211 11.80 -5.16 -5.68
N TRP C 212 12.40 -5.27 -4.50
CA TRP C 212 12.15 -4.31 -3.45
C TRP C 212 12.61 -2.90 -3.87
N THR C 213 13.77 -2.78 -4.49
CA THR C 213 14.24 -1.46 -4.90
C THR C 213 13.35 -0.86 -6.01
N LEU C 214 12.92 -1.69 -6.95
CA LEU C 214 11.99 -1.24 -7.96
C LEU C 214 10.69 -0.73 -7.35
N SER C 215 10.21 -1.39 -6.29
CA SER C 215 8.97 -0.97 -5.66
C SER C 215 9.13 0.40 -5.00
N ASN C 216 10.31 0.66 -4.41
CA ASN C 216 10.54 2.00 -3.84
C ASN C 216 10.61 3.08 -4.92
N LEU C 217 11.00 2.70 -6.13
CA LEU C 217 11.00 3.70 -7.21
C LEU C 217 9.58 4.01 -7.63
N CYS C 218 8.65 3.11 -7.29
CA CYS C 218 7.22 3.30 -7.57
C CYS C 218 6.47 3.98 -6.45
N ARG C 219 7.12 4.10 -5.30
CA ARG C 219 6.46 4.50 -4.06
C ARG C 219 6.42 6.03 -3.89
N ASN C 220 5.51 6.51 -3.03
CA ASN C 220 5.35 7.92 -2.61
C ASN C 220 4.59 8.77 -3.63
N LYS C 221 3.92 9.83 -3.16
CA LYS C 221 2.78 10.32 -3.94
C LYS C 221 2.74 11.83 -4.23
N ASN C 222 3.55 12.62 -3.54
CA ASN C 222 3.51 14.07 -3.80
C ASN C 222 4.88 14.64 -4.12
N PRO C 223 5.29 14.52 -5.39
CA PRO C 223 4.45 13.97 -6.47
C PRO C 223 4.66 12.47 -6.62
N ALA C 224 3.80 11.84 -7.39
CA ALA C 224 3.99 10.47 -7.83
C ALA C 224 5.22 10.38 -8.75
N PRO C 225 5.75 9.15 -8.99
CA PRO C 225 6.89 9.02 -9.88
C PRO C 225 6.60 9.58 -11.28
N PRO C 226 7.64 10.02 -12.02
CA PRO C 226 7.46 10.52 -13.39
C PRO C 226 6.73 9.51 -14.25
N LEU C 227 5.78 9.94 -15.06
CA LEU C 227 5.02 9.02 -15.91
C LEU C 227 5.93 8.15 -16.76
N ASP C 228 6.99 8.73 -17.32
CA ASP C 228 7.91 8.00 -18.20
C ASP C 228 8.68 6.94 -17.45
N ALA C 229 9.01 7.21 -16.18
CA ALA C 229 9.68 6.21 -15.36
C ALA C 229 8.72 5.04 -15.07
N VAL C 230 7.47 5.36 -14.78
CA VAL C 230 6.47 4.32 -14.50
C VAL C 230 6.28 3.46 -15.76
N GLU C 231 6.19 4.10 -16.92
CA GLU C 231 6.00 3.37 -18.18
C GLU C 231 7.19 2.45 -18.41
N GLN C 232 8.37 2.92 -18.04
CA GLN C 232 9.58 2.19 -18.24
C GLN C 232 9.66 0.94 -17.34
N ILE C 233 9.20 1.08 -16.09
CA ILE C 233 9.29 0.02 -15.09
C ILE C 233 8.19 -1.03 -15.23
N LEU C 234 7.01 -0.62 -15.67
CA LEU C 234 5.83 -1.49 -15.59
C LEU C 234 5.98 -2.89 -16.23
N PRO C 235 6.58 -2.99 -17.44
CA PRO C 235 6.64 -4.33 -18.03
C PRO C 235 7.47 -5.30 -17.21
N THR C 236 8.49 -4.80 -16.51
CA THR C 236 9.31 -5.67 -15.68
C THR C 236 8.50 -6.05 -14.44
N LEU C 237 7.80 -5.06 -13.90
CA LEU C 237 6.88 -5.29 -12.81
C LEU C 237 5.85 -6.35 -13.14
N VAL C 238 5.28 -6.31 -14.34
CA VAL C 238 4.25 -7.27 -14.71
C VAL C 238 4.85 -8.67 -14.70
N ARG C 239 6.08 -8.74 -15.20
N ARG C 239 6.07 -8.78 -15.21
CA ARG C 239 6.88 -9.95 -15.26
CA ARG C 239 6.77 -10.05 -15.23
C ARG C 239 7.16 -10.53 -13.86
C ARG C 239 7.09 -10.55 -13.81
N LEU C 240 7.47 -9.64 -12.92
CA LEU C 240 7.78 -10.04 -11.55
C LEU C 240 6.53 -10.51 -10.83
N LEU C 241 5.39 -9.96 -11.22
CA LEU C 241 4.11 -10.32 -10.63
C LEU C 241 3.72 -11.77 -10.96
N HIS C 242 4.42 -12.37 -11.92
CA HIS C 242 4.14 -13.75 -12.31
C HIS C 242 5.23 -14.69 -11.85
N HIS C 243 6.16 -14.16 -11.07
CA HIS C 243 7.22 -14.99 -10.54
C HIS C 243 6.68 -15.81 -9.36
N ASN C 244 7.35 -16.92 -9.02
CA ASN C 244 6.82 -17.83 -8.01
C ASN C 244 7.44 -17.68 -6.60
N ASP C 245 8.20 -16.61 -6.34
CA ASP C 245 8.71 -16.39 -4.99
C ASP C 245 7.78 -15.48 -4.22
N PRO C 246 7.35 -15.91 -3.02
CA PRO C 246 6.39 -15.13 -2.22
C PRO C 246 6.87 -13.72 -1.85
N GLU C 247 8.14 -13.54 -1.54
CA GLU C 247 8.61 -12.18 -1.26
C GLU C 247 8.61 -11.32 -2.51
N VAL C 248 9.06 -11.88 -3.63
CA VAL C 248 9.02 -11.13 -4.88
C VAL C 248 7.57 -10.76 -5.22
N LEU C 249 6.65 -11.71 -5.06
CA LEU C 249 5.24 -11.44 -5.31
C LEU C 249 4.67 -10.35 -4.39
N ALA C 250 5.03 -10.40 -3.11
CA ALA C 250 4.57 -9.38 -2.17
C ALA C 250 5.03 -7.98 -2.62
N ASP C 251 6.32 -7.84 -2.90
CA ASP C 251 6.88 -6.54 -3.23
C ASP C 251 6.41 -6.04 -4.59
N SER C 252 6.18 -6.96 -5.54
CA SER C 252 5.56 -6.61 -6.82
C SER C 252 4.16 -6.06 -6.59
N CYS C 253 3.39 -6.74 -5.75
CA CYS C 253 2.06 -6.24 -5.42
C CYS C 253 2.12 -4.88 -4.75
N TRP C 254 3.08 -4.68 -3.83
CA TRP C 254 3.22 -3.37 -3.20
C TRP C 254 3.46 -2.31 -4.25
N ALA C 255 4.39 -2.59 -5.17
CA ALA C 255 4.68 -1.65 -6.26
C ALA C 255 3.41 -1.29 -7.02
N ILE C 256 2.61 -2.31 -7.33
CA ILE C 256 1.41 -2.05 -8.11
C ILE C 256 0.42 -1.23 -7.28
N SER C 257 0.35 -1.49 -5.98
CA SER C 257 -0.58 -0.75 -5.13
C SER C 257 -0.16 0.73 -5.05
N TYR C 258 1.13 0.98 -5.02
CA TYR C 258 1.61 2.37 -5.09
C TYR C 258 1.18 3.03 -6.40
N LEU C 259 1.41 2.35 -7.51
CA LEU C 259 1.13 2.91 -8.82
C LEU C 259 -0.35 3.17 -9.05
N THR C 260 -1.21 2.43 -8.36
CA THR C 260 -2.65 2.60 -8.53
C THR C 260 -3.28 3.53 -7.49
N ASP C 261 -2.45 4.09 -6.63
CA ASP C 261 -2.91 5.03 -5.61
C ASP C 261 -2.77 6.47 -6.12
N GLY C 262 -3.77 6.94 -6.88
CA GLY C 262 -3.71 8.28 -7.44
C GLY C 262 -4.87 8.53 -8.39
N PRO C 263 -4.74 9.51 -9.30
CA PRO C 263 -5.79 9.81 -10.28
C PRO C 263 -6.03 8.65 -11.25
N ASN C 264 -7.15 8.67 -11.95
CA ASN C 264 -7.57 7.52 -12.76
C ASN C 264 -6.66 7.26 -13.95
N GLU C 265 -5.94 8.29 -14.39
CA GLU C 265 -4.96 8.13 -15.45
C GLU C 265 -3.81 7.23 -15.00
N ARG C 266 -3.47 7.28 -13.71
CA ARG C 266 -2.41 6.44 -13.15
C ARG C 266 -2.88 4.99 -13.09
N ILE C 267 -4.11 4.81 -12.61
CA ILE C 267 -4.74 3.51 -12.58
C ILE C 267 -4.81 2.88 -13.97
N GLU C 268 -5.18 3.69 -14.95
CA GLU C 268 -5.32 3.20 -16.32
C GLU C 268 -4.00 2.64 -16.88
N MET C 269 -2.88 3.29 -16.58
CA MET C 269 -1.58 2.80 -17.02
C MET C 269 -1.30 1.38 -16.54
N VAL C 270 -1.76 1.09 -15.34
CA VAL C 270 -1.56 -0.23 -14.77
C VAL C 270 -2.57 -1.23 -15.34
N VAL C 271 -3.84 -0.84 -15.34
CA VAL C 271 -4.90 -1.72 -15.82
C VAL C 271 -4.70 -2.11 -17.29
N LYS C 272 -4.19 -1.17 -18.09
CA LYS C 272 -3.94 -1.44 -19.50
C LYS C 272 -2.88 -2.53 -19.72
N LYS C 273 -2.08 -2.81 -18.69
CA LYS C 273 -1.05 -3.84 -18.77
C LYS C 273 -1.61 -5.25 -18.54
N GLY C 274 -2.91 -5.32 -18.24
CA GLY C 274 -3.58 -6.60 -18.12
C GLY C 274 -3.29 -7.38 -16.85
N VAL C 275 -2.89 -6.67 -15.79
CA VAL C 275 -2.48 -7.33 -14.55
C VAL C 275 -3.62 -7.67 -13.60
N VAL C 276 -4.81 -7.12 -13.86
CA VAL C 276 -5.89 -7.30 -12.90
C VAL C 276 -6.20 -8.79 -12.62
N PRO C 277 -6.26 -9.64 -13.68
CA PRO C 277 -6.51 -11.05 -13.35
C PRO C 277 -5.42 -11.68 -12.49
N GLN C 278 -4.16 -11.32 -12.69
CA GLN C 278 -3.09 -11.84 -11.84
C GLN C 278 -3.27 -11.34 -10.42
N LEU C 279 -3.67 -10.08 -10.27
CA LEU C 279 -3.89 -9.51 -8.94
C LEU C 279 -5.00 -10.25 -8.20
N VAL C 280 -6.08 -10.55 -8.92
CA VAL C 280 -7.19 -11.27 -8.32
C VAL C 280 -6.75 -12.66 -7.86
N LYS C 281 -5.92 -13.31 -8.67
CA LYS C 281 -5.36 -14.59 -8.29
C LYS C 281 -4.55 -14.46 -6.98
N LEU C 282 -3.75 -13.40 -6.90
CA LEU C 282 -2.89 -13.22 -5.72
C LEU C 282 -3.76 -12.84 -4.51
N LEU C 283 -4.92 -12.25 -4.79
CA LEU C 283 -5.89 -11.94 -3.76
C LEU C 283 -6.32 -13.22 -3.03
N GLY C 284 -6.18 -14.35 -3.69
CA GLY C 284 -6.57 -15.62 -3.10
C GLY C 284 -5.42 -16.42 -2.52
N ALA C 285 -4.23 -15.83 -2.47
CA ALA C 285 -3.05 -16.50 -1.92
C ALA C 285 -3.22 -16.83 -0.44
N THR C 286 -2.46 -17.83 0.02
CA THR C 286 -2.56 -18.24 1.41
C THR C 286 -1.71 -17.31 2.27
N GLU C 287 -0.70 -16.70 1.66
CA GLU C 287 0.22 -15.82 2.38
C GLU C 287 -0.34 -14.40 2.57
N LEU C 288 -0.59 -14.05 3.83
CA LEU C 288 -1.03 -12.71 4.20
C LEU C 288 -0.13 -11.56 3.69
N PRO C 289 1.21 -11.76 3.65
CA PRO C 289 1.99 -10.65 3.06
C PRO C 289 1.76 -10.47 1.56
N ILE C 290 1.12 -11.42 0.89
CA ILE C 290 0.77 -11.24 -0.50
C ILE C 290 -0.65 -10.72 -0.64
N VAL C 291 -1.57 -11.26 0.15
CA VAL C 291 -2.96 -10.83 0.06
C VAL C 291 -3.07 -9.34 0.37
N THR C 292 -2.33 -8.88 1.37
CA THR C 292 -2.47 -7.49 1.81
C THR C 292 -2.19 -6.47 0.68
N PRO C 293 -1.01 -6.54 0.03
CA PRO C 293 -0.82 -5.57 -1.05
C PRO C 293 -1.67 -5.86 -2.28
N ALA C 294 -1.99 -7.12 -2.56
CA ALA C 294 -2.91 -7.41 -3.68
C ALA C 294 -4.25 -6.72 -3.47
N LEU C 295 -4.78 -6.85 -2.26
CA LEU C 295 -6.05 -6.23 -1.91
C LEU C 295 -5.96 -4.69 -1.94
N ARG C 296 -4.86 -4.13 -1.47
CA ARG C 296 -4.72 -2.68 -1.55
C ARG C 296 -4.77 -2.24 -3.00
N ALA C 297 -4.09 -2.98 -3.88
CA ALA C 297 -4.06 -2.67 -5.31
C ALA C 297 -5.46 -2.74 -5.90
N ILE C 298 -6.14 -3.84 -5.61
CA ILE C 298 -7.49 -4.03 -6.13
C ILE C 298 -8.41 -2.92 -5.62
N GLY C 299 -8.32 -2.63 -4.32
CA GLY C 299 -9.08 -1.52 -3.75
C GLY C 299 -8.80 -0.19 -4.43
N ASN C 300 -7.52 0.08 -4.71
CA ASN C 300 -7.15 1.30 -5.40
C ASN C 300 -7.79 1.38 -6.77
N ILE C 301 -7.78 0.24 -7.46
CA ILE C 301 -8.30 0.20 -8.82
C ILE C 301 -9.79 0.53 -8.87
N VAL C 302 -10.54 0.08 -7.87
CA VAL C 302 -11.99 0.31 -7.93
C VAL C 302 -12.35 1.71 -7.41
N THR C 303 -11.36 2.51 -7.02
CA THR C 303 -11.64 3.92 -6.79
C THR C 303 -11.73 4.66 -8.11
N GLY C 304 -11.46 3.95 -9.21
CA GLY C 304 -11.35 4.56 -10.52
C GLY C 304 -12.69 4.68 -11.26
N THR C 305 -12.64 4.61 -12.59
CA THR C 305 -13.83 4.75 -13.41
C THR C 305 -14.67 3.49 -13.28
N ASP C 306 -15.91 3.54 -13.76
CA ASP C 306 -16.77 2.37 -13.77
C ASP C 306 -16.15 1.26 -14.62
N GLU C 307 -15.47 1.65 -15.68
CA GLU C 307 -14.84 0.71 -16.59
C GLU C 307 -13.65 0.00 -15.93
N GLN C 308 -12.87 0.75 -15.16
CA GLN C 308 -11.74 0.16 -14.45
C GLN C 308 -12.25 -0.78 -13.36
N THR C 309 -13.29 -0.35 -12.65
CA THR C 309 -13.95 -1.19 -11.67
C THR C 309 -14.48 -2.47 -12.28
N GLN C 310 -15.06 -2.36 -13.48
CA GLN C 310 -15.63 -3.53 -14.15
C GLN C 310 -14.56 -4.57 -14.48
N LYS C 311 -13.33 -4.13 -14.75
CA LYS C 311 -12.22 -5.04 -14.98
C LYS C 311 -11.98 -5.95 -13.77
N VAL C 312 -12.06 -5.41 -12.55
CA VAL C 312 -11.78 -6.29 -11.42
C VAL C 312 -12.98 -7.20 -11.17
N ILE C 313 -14.19 -6.74 -11.49
CA ILE C 313 -15.35 -7.61 -11.38
C ILE C 313 -15.26 -8.73 -12.42
N ASP C 314 -14.94 -8.38 -13.66
CA ASP C 314 -14.83 -9.35 -14.75
C ASP C 314 -13.80 -10.43 -14.43
N ALA C 315 -12.75 -10.03 -13.73
CA ALA C 315 -11.64 -10.93 -13.42
C ALA C 315 -11.98 -11.92 -12.32
N GLY C 316 -13.16 -11.77 -11.72
CA GLY C 316 -13.64 -12.72 -10.73
C GLY C 316 -13.33 -12.35 -9.28
N ALA C 317 -13.02 -11.09 -9.03
CA ALA C 317 -12.58 -10.66 -7.71
C ALA C 317 -13.65 -10.91 -6.65
N LEU C 318 -14.92 -10.76 -7.02
CA LEU C 318 -15.97 -10.76 -6.02
C LEU C 318 -16.12 -12.12 -5.34
N ALA C 319 -15.73 -13.20 -6.01
CA ALA C 319 -15.84 -14.53 -5.43
C ALA C 319 -14.87 -14.75 -4.27
N VAL C 320 -13.91 -13.84 -4.09
CA VAL C 320 -12.94 -13.94 -2.99
C VAL C 320 -13.46 -13.25 -1.73
N PHE C 321 -14.48 -12.41 -1.87
CA PHE C 321 -14.85 -11.56 -0.76
C PHE C 321 -15.60 -12.22 0.43
N PRO C 322 -16.28 -13.37 0.21
CA PRO C 322 -16.75 -14.07 1.42
C PRO C 322 -15.62 -14.32 2.42
N SER C 323 -14.44 -14.72 1.93
CA SER C 323 -13.28 -14.96 2.78
C SER C 323 -12.66 -13.66 3.29
N LEU C 324 -12.51 -12.68 2.42
CA LEU C 324 -11.89 -11.41 2.79
C LEU C 324 -12.75 -10.64 3.81
N LEU C 325 -14.06 -10.71 3.68
CA LEU C 325 -14.93 -9.97 4.60
C LEU C 325 -15.12 -10.68 5.94
N THR C 326 -14.58 -11.89 6.07
CA THR C 326 -14.58 -12.58 7.36
C THR C 326 -13.17 -12.96 7.80
N ASN C 327 -12.17 -12.35 7.16
CA ASN C 327 -10.78 -12.69 7.41
C ASN C 327 -10.40 -12.36 8.84
N PRO C 328 -9.60 -13.25 9.48
CA PRO C 328 -9.15 -13.05 10.86
C PRO C 328 -8.35 -11.76 11.07
N LYS C 329 -7.67 -11.26 10.04
CA LYS C 329 -6.88 -10.04 10.18
C LYS C 329 -7.76 -8.84 9.99
N THR C 330 -7.88 -7.99 11.01
CA THR C 330 -8.87 -6.91 10.96
C THR C 330 -8.56 -5.95 9.82
N ASN C 331 -7.28 -5.77 9.52
CA ASN C 331 -6.89 -4.89 8.43
C ASN C 331 -7.40 -5.38 7.06
N ILE C 332 -7.39 -6.69 6.85
CA ILE C 332 -7.93 -7.26 5.64
C ILE C 332 -9.44 -7.03 5.54
N GLN C 333 -10.16 -7.30 6.63
CA GLN C 333 -11.60 -7.01 6.66
C GLN C 333 -11.89 -5.55 6.37
N LYS C 334 -11.07 -4.68 6.93
CA LYS C 334 -11.28 -3.25 6.73
C LYS C 334 -11.07 -2.86 5.27
N GLU C 335 -9.94 -3.30 4.69
CA GLU C 335 -9.62 -2.96 3.29
C GLU C 335 -10.62 -3.58 2.35
N ALA C 336 -11.06 -4.80 2.67
CA ALA C 336 -12.05 -5.47 1.84
C ALA C 336 -13.38 -4.73 1.87
N THR C 337 -13.74 -4.21 3.02
CA THR C 337 -15.04 -3.55 3.16
C THR C 337 -14.98 -2.18 2.48
N TRP C 338 -13.85 -1.51 2.60
CA TRP C 338 -13.61 -0.26 1.88
C TRP C 338 -13.73 -0.50 0.39
N THR C 339 -13.12 -1.58 -0.09
CA THR C 339 -13.19 -1.93 -1.50
C THR C 339 -14.66 -2.15 -1.93
N MET C 340 -15.41 -2.89 -1.10
CA MET C 340 -16.83 -3.13 -1.37
C MET C 340 -17.58 -1.82 -1.47
N SER C 341 -17.22 -0.86 -0.63
CA SER C 341 -17.92 0.42 -0.60
C SER C 341 -17.73 1.15 -1.92
N ASN C 342 -16.56 0.97 -2.52
CA ASN C 342 -16.31 1.62 -3.79
C ASN C 342 -16.91 0.86 -4.97
N ILE C 343 -17.11 -0.45 -4.79
CA ILE C 343 -17.87 -1.20 -5.77
C ILE C 343 -19.36 -0.86 -5.65
N THR C 344 -19.88 -0.66 -4.45
CA THR C 344 -21.30 -0.27 -4.35
C THR C 344 -21.51 1.18 -4.78
N ALA C 345 -20.41 1.89 -5.03
CA ALA C 345 -20.50 3.25 -5.58
C ALA C 345 -20.56 3.22 -7.10
N GLY C 346 -20.65 2.02 -7.67
CA GLY C 346 -20.62 1.87 -9.12
C GLY C 346 -22.01 1.84 -9.74
N ARG C 347 -22.11 1.32 -10.96
CA ARG C 347 -23.37 1.27 -11.68
C ARG C 347 -24.31 0.26 -11.04
N GLN C 348 -25.57 0.29 -11.44
CA GLN C 348 -26.54 -0.67 -10.94
C GLN C 348 -26.23 -2.11 -11.31
N ASP C 349 -25.63 -2.33 -12.49
CA ASP C 349 -25.23 -3.67 -12.89
C ASP C 349 -24.06 -4.16 -12.05
N GLN C 350 -23.27 -3.24 -11.52
CA GLN C 350 -22.15 -3.63 -10.66
C GLN C 350 -22.67 -3.95 -9.26
N ILE C 351 -23.57 -3.12 -8.76
CA ILE C 351 -24.28 -3.44 -7.52
C ILE C 351 -24.98 -4.80 -7.67
N GLN C 352 -25.57 -5.08 -8.83
CA GLN C 352 -26.24 -6.37 -9.03
C GLN C 352 -25.26 -7.55 -8.91
N GLN C 353 -24.03 -7.36 -9.38
CA GLN C 353 -23.00 -8.40 -9.25
C GLN C 353 -22.67 -8.68 -7.79
N VAL C 354 -22.66 -7.62 -6.99
CA VAL C 354 -22.42 -7.76 -5.55
C VAL C 354 -23.55 -8.62 -4.98
N VAL C 355 -24.78 -8.32 -5.38
CA VAL C 355 -25.93 -9.12 -4.99
C VAL C 355 -25.76 -10.60 -5.42
N ASN C 356 -25.49 -10.82 -6.71
CA ASN C 356 -25.42 -12.18 -7.25
C ASN C 356 -24.36 -13.02 -6.55
N HIS C 357 -23.29 -12.38 -6.14
CA HIS C 357 -22.18 -13.08 -5.48
C HIS C 357 -22.48 -13.34 -4.01
N GLY C 358 -23.66 -12.93 -3.56
CA GLY C 358 -24.12 -13.19 -2.22
C GLY C 358 -23.38 -12.39 -1.17
N LEU C 359 -22.95 -11.18 -1.54
CA LEU C 359 -22.08 -10.42 -0.65
C LEU C 359 -22.88 -9.48 0.24
N VAL C 360 -24.17 -9.31 -0.01
CA VAL C 360 -24.92 -8.41 0.85
C VAL C 360 -25.06 -9.04 2.27
N PRO C 361 -25.35 -10.34 2.37
CA PRO C 361 -25.29 -10.89 3.74
C PRO C 361 -23.93 -10.69 4.44
N PHE C 362 -22.83 -10.72 3.69
CA PHE C 362 -21.53 -10.48 4.30
C PHE C 362 -21.39 -9.04 4.73
N LEU C 363 -21.98 -8.11 3.98
CA LEU C 363 -21.97 -6.73 4.45
C LEU C 363 -22.81 -6.56 5.71
N VAL C 364 -23.97 -7.21 5.76
CA VAL C 364 -24.78 -7.19 6.97
C VAL C 364 -23.95 -7.72 8.14
N GLY C 365 -23.20 -8.79 7.88
CA GLY C 365 -22.35 -9.42 8.88
C GLY C 365 -21.32 -8.46 9.47
N VAL C 366 -20.59 -7.78 8.60
CA VAL C 366 -19.57 -6.84 9.05
C VAL C 366 -20.20 -5.63 9.76
N LEU C 367 -21.33 -5.14 9.25
CA LEU C 367 -22.02 -4.04 9.91
C LEU C 367 -22.44 -4.49 11.32
N SER C 368 -22.78 -5.77 11.45
CA SER C 368 -23.26 -6.34 12.71
C SER C 368 -22.16 -6.52 13.74
N LYS C 369 -21.00 -6.97 13.29
CA LYS C 369 -19.89 -7.23 14.18
C LYS C 369 -18.57 -7.16 13.44
N ALA C 370 -17.74 -6.18 13.83
CA ALA C 370 -16.41 -6.02 13.25
C ALA C 370 -15.69 -4.98 14.07
N ASP C 371 -14.40 -4.77 13.81
CA ASP C 371 -13.70 -3.61 14.37
C ASP C 371 -14.43 -2.36 13.93
N PHE C 372 -14.45 -1.33 14.76
CA PHE C 372 -15.27 -0.15 14.44
C PHE C 372 -14.90 0.44 13.08
N LYS C 373 -13.61 0.49 12.77
CA LYS C 373 -13.15 1.07 11.50
C LYS C 373 -13.74 0.30 10.31
N THR C 374 -13.84 -1.01 10.46
CA THR C 374 -14.45 -1.85 9.44
C THR C 374 -15.94 -1.56 9.33
N GLN C 375 -16.58 -1.41 10.48
CA GLN C 375 -18.00 -1.11 10.53
C GLN C 375 -18.32 0.19 9.81
N LYS C 376 -17.45 1.18 9.95
CA LYS C 376 -17.65 2.47 9.30
C LYS C 376 -17.57 2.32 7.78
N GLU C 377 -16.64 1.49 7.33
CA GLU C 377 -16.54 1.24 5.89
C GLU C 377 -17.79 0.51 5.39
N ALA C 378 -18.34 -0.36 6.24
CA ALA C 378 -19.59 -1.05 5.87
C ALA C 378 -20.71 -0.04 5.77
N ALA C 379 -20.72 0.93 6.68
CA ALA C 379 -21.72 1.97 6.65
C ALA C 379 -21.64 2.70 5.31
N TRP C 380 -20.42 3.08 4.92
CA TRP C 380 -20.23 3.71 3.63
C TRP C 380 -20.77 2.84 2.49
N ALA C 381 -20.38 1.57 2.50
CA ALA C 381 -20.82 0.62 1.49
C ALA C 381 -22.34 0.61 1.37
N ILE C 382 -23.02 0.69 2.51
CA ILE C 382 -24.48 0.64 2.50
C ILE C 382 -25.05 1.95 1.96
N THR C 383 -24.51 3.07 2.41
CA THR C 383 -25.03 4.35 1.95
C THR C 383 -24.80 4.49 0.44
N ASN C 384 -23.64 4.03 -0.04
CA ASN C 384 -23.37 4.05 -1.48
C ASN C 384 -24.36 3.19 -2.26
N TYR C 385 -24.56 1.97 -1.76
CA TYR C 385 -25.51 1.02 -2.34
C TYR C 385 -26.90 1.66 -2.45
N THR C 386 -27.39 2.20 -1.34
CA THR C 386 -28.73 2.74 -1.31
C THR C 386 -28.82 4.02 -2.13
N SER C 387 -27.67 4.66 -2.36
CA SER C 387 -27.66 5.86 -3.18
C SER C 387 -27.81 5.54 -4.67
N GLY C 388 -27.08 4.55 -5.16
CA GLY C 388 -27.08 4.24 -6.58
C GLY C 388 -27.96 3.06 -6.99
N GLY C 389 -28.46 2.32 -6.02
CA GLY C 389 -29.19 1.09 -6.31
C GLY C 389 -30.62 1.33 -6.80
N THR C 390 -31.17 0.32 -7.48
CA THR C 390 -32.57 0.29 -7.85
C THR C 390 -33.45 0.03 -6.63
N VAL C 391 -34.74 0.30 -6.76
CA VAL C 391 -35.67 0.00 -5.67
C VAL C 391 -35.59 -1.47 -5.27
N GLU C 392 -35.54 -2.37 -6.26
CA GLU C 392 -35.50 -3.81 -5.96
C GLU C 392 -34.22 -4.21 -5.23
N GLN C 393 -33.11 -3.59 -5.60
CA GLN C 393 -31.86 -3.86 -4.90
C GLN C 393 -31.94 -3.35 -3.47
N ILE C 394 -32.59 -2.22 -3.28
CA ILE C 394 -32.68 -1.64 -1.94
C ILE C 394 -33.62 -2.47 -1.05
N VAL C 395 -34.73 -2.92 -1.62
CA VAL C 395 -35.63 -3.83 -0.93
C VAL C 395 -34.90 -5.09 -0.49
N TYR C 396 -34.05 -5.60 -1.38
CA TYR C 396 -33.26 -6.81 -1.09
C TYR C 396 -32.37 -6.61 0.13
N LEU C 397 -31.78 -5.42 0.19
CA LEU C 397 -30.88 -5.07 1.30
C LEU C 397 -31.63 -5.15 2.62
N VAL C 398 -32.86 -4.65 2.63
CA VAL C 398 -33.66 -4.68 3.83
C VAL C 398 -34.04 -6.12 4.19
N HIS C 399 -34.42 -6.90 3.19
CA HIS C 399 -34.76 -8.30 3.42
C HIS C 399 -33.55 -9.11 3.91
N CYS C 400 -32.34 -8.60 3.69
CA CYS C 400 -31.15 -9.30 4.22
C CYS C 400 -30.87 -8.96 5.68
N GLY C 401 -31.62 -8.00 6.22
CA GLY C 401 -31.51 -7.65 7.63
C GLY C 401 -30.60 -6.46 7.93
N ILE C 402 -30.51 -5.51 7.00
CA ILE C 402 -29.62 -4.37 7.20
C ILE C 402 -30.08 -3.41 8.30
N ILE C 403 -31.37 -3.38 8.57
CA ILE C 403 -31.92 -2.28 9.37
C ILE C 403 -31.44 -2.31 10.82
N GLU C 404 -31.52 -3.47 11.46
CA GLU C 404 -31.16 -3.53 12.87
C GLU C 404 -29.68 -3.19 13.12
N PRO C 405 -28.72 -3.85 12.43
CA PRO C 405 -27.34 -3.43 12.71
C PRO C 405 -27.07 -1.98 12.31
N LEU C 406 -27.79 -1.48 11.32
CA LEU C 406 -27.62 -0.08 10.90
C LEU C 406 -28.05 0.84 12.04
N MET C 407 -29.18 0.51 12.66
CA MET C 407 -29.69 1.30 13.78
C MET C 407 -28.78 1.22 14.99
N ASN C 408 -28.28 0.01 15.27
CA ASN C 408 -27.37 -0.19 16.40
C ASN C 408 -26.14 0.70 16.34
N LEU C 409 -25.70 1.01 15.14
CA LEU C 409 -24.49 1.81 14.95
C LEU C 409 -24.76 3.31 15.15
N LEU C 410 -26.03 3.70 15.23
CA LEU C 410 -26.37 5.10 15.40
C LEU C 410 -25.97 5.61 16.78
N SER C 411 -25.66 4.68 17.67
CA SER C 411 -25.24 5.02 19.02
C SER C 411 -23.74 5.21 19.12
N ALA C 412 -23.06 5.26 17.99
CA ALA C 412 -21.61 5.43 17.97
C ALA C 412 -21.24 6.87 18.29
N LYS C 413 -20.12 7.04 18.98
CA LYS C 413 -19.60 8.37 19.27
C LYS C 413 -18.67 8.80 18.15
N ASP C 414 -19.20 8.79 16.93
CA ASP C 414 -18.49 9.23 15.74
C ASP C 414 -19.49 9.93 14.85
N THR C 415 -19.44 11.27 14.80
CA THR C 415 -20.48 12.02 14.11
C THR C 415 -20.52 11.67 12.62
N LYS C 416 -19.36 11.40 12.04
CA LYS C 416 -19.27 11.06 10.61
C LYS C 416 -20.09 9.82 10.24
N ILE C 417 -19.95 8.74 11.00
CA ILE C 417 -20.67 7.52 10.65
C ILE C 417 -22.16 7.73 10.86
N ILE C 418 -22.52 8.65 11.74
CA ILE C 418 -23.92 8.91 12.01
C ILE C 418 -24.54 9.56 10.78
N GLN C 419 -23.87 10.57 10.24
CA GLN C 419 -24.33 11.22 9.02
C GLN C 419 -24.46 10.21 7.89
N VAL C 420 -23.49 9.31 7.80
CA VAL C 420 -23.48 8.29 6.77
C VAL C 420 -24.73 7.43 6.89
N ILE C 421 -25.02 6.98 8.12
CA ILE C 421 -26.14 6.08 8.37
C ILE C 421 -27.48 6.79 8.11
N LEU C 422 -27.64 7.98 8.66
CA LEU C 422 -28.86 8.74 8.45
C LEU C 422 -29.16 8.94 6.97
N ASP C 423 -28.11 9.17 6.18
CA ASP C 423 -28.24 9.27 4.73
C ASP C 423 -28.80 7.97 4.17
N ALA C 424 -28.25 6.85 4.64
CA ALA C 424 -28.71 5.55 4.19
C ALA C 424 -30.18 5.34 4.55
N ILE C 425 -30.56 5.68 5.78
CA ILE C 425 -31.98 5.59 6.20
C ILE C 425 -32.85 6.38 5.24
N SER C 426 -32.41 7.59 4.92
CA SER C 426 -33.13 8.44 4.00
C SER C 426 -33.34 7.73 2.68
N ASN C 427 -32.27 7.20 2.11
CA ASN C 427 -32.33 6.55 0.81
C ASN C 427 -33.29 5.37 0.80
N ILE C 428 -33.31 4.63 1.90
CA ILE C 428 -34.14 3.44 1.98
C ILE C 428 -35.61 3.87 2.08
N PHE C 429 -35.86 4.97 2.78
CA PHE C 429 -37.21 5.51 2.87
C PHE C 429 -37.67 6.02 1.51
N GLN C 430 -36.77 6.61 0.75
CA GLN C 430 -37.11 7.10 -0.58
C GLN C 430 -37.57 5.94 -1.46
N ALA C 431 -36.88 4.81 -1.35
CA ALA C 431 -37.27 3.63 -2.10
C ALA C 431 -38.61 3.12 -1.57
N ALA C 432 -38.79 3.16 -0.25
CA ALA C 432 -40.02 2.70 0.38
C ALA C 432 -41.20 3.60 0.02
N GLU C 433 -40.94 4.87 -0.26
CA GLU C 433 -41.99 5.77 -0.70
C GLU C 433 -42.49 5.37 -2.08
N LYS C 434 -41.57 5.06 -2.98
CA LYS C 434 -41.93 4.64 -4.34
C LYS C 434 -42.76 3.35 -4.30
N LEU C 435 -42.65 2.61 -3.19
CA LEU C 435 -43.44 1.40 -3.00
C LEU C 435 -44.65 1.62 -2.09
N GLY C 436 -44.64 2.74 -1.38
CA GLY C 436 -45.70 3.04 -0.43
C GLY C 436 -45.66 2.17 0.81
N GLU C 437 -44.53 1.48 1.00
CA GLU C 437 -44.38 0.61 2.15
C GLU C 437 -43.64 1.36 3.27
N THR C 438 -43.78 2.68 3.31
CA THR C 438 -43.09 3.49 4.30
C THR C 438 -43.52 3.14 5.72
N GLU C 439 -44.80 2.85 5.89
CA GLU C 439 -45.32 2.41 7.17
C GLU C 439 -44.55 1.20 7.68
N LYS C 440 -44.43 0.17 6.84
CA LYS C 440 -43.75 -1.06 7.21
C LYS C 440 -42.31 -0.77 7.66
N LEU C 441 -41.65 0.13 6.94
CA LEU C 441 -40.26 0.48 7.27
C LEU C 441 -40.17 1.20 8.61
N SER C 442 -41.05 2.17 8.83
CA SER C 442 -41.06 2.92 10.08
C SER C 442 -41.21 1.98 11.27
N ILE C 443 -42.07 0.98 11.11
CA ILE C 443 -42.32 0.00 12.16
C ILE C 443 -41.09 -0.84 12.44
N MET C 444 -40.46 -1.31 11.36
CA MET C 444 -39.23 -2.08 11.46
C MET C 444 -38.19 -1.34 12.29
N ILE C 445 -38.05 -0.04 12.02
CA ILE C 445 -37.09 0.79 12.73
C ILE C 445 -37.50 0.98 14.18
N GLU C 446 -38.80 1.10 14.42
CA GLU C 446 -39.32 1.25 15.78
C GLU C 446 -39.15 -0.04 16.59
N GLU C 447 -39.44 -1.17 15.97
CA GLU C 447 -39.43 -2.46 16.65
C GLU C 447 -38.03 -2.87 17.12
N CYS C 448 -37.00 -2.30 16.50
CA CYS C 448 -35.63 -2.65 16.85
C CYS C 448 -34.92 -1.54 17.61
N GLY C 449 -35.64 -0.46 17.93
CA GLY C 449 -35.10 0.59 18.77
C GLY C 449 -34.48 1.75 18.01
N GLY C 450 -34.67 1.76 16.70
CA GLY C 450 -34.09 2.78 15.85
C GLY C 450 -34.66 4.16 16.11
N LEU C 451 -35.99 4.22 16.27
CA LEU C 451 -36.67 5.51 16.46
C LEU C 451 -36.12 6.24 17.68
N ASP C 452 -35.85 5.51 18.74
CA ASP C 452 -35.25 6.08 19.95
C ASP C 452 -33.94 6.79 19.62
N LYS C 453 -33.03 6.08 18.96
CA LYS C 453 -31.73 6.61 18.63
C LYS C 453 -31.83 7.82 17.70
N ILE C 454 -32.76 7.77 16.75
CA ILE C 454 -32.98 8.88 15.83
C ILE C 454 -33.59 10.07 16.55
N GLU C 455 -34.47 9.78 17.51
CA GLU C 455 -35.08 10.83 18.32
C GLU C 455 -34.02 11.57 19.12
N ALA C 456 -33.08 10.82 19.66
CA ALA C 456 -31.99 11.38 20.45
C ALA C 456 -31.08 12.28 19.60
N LEU C 457 -30.80 11.84 18.38
CA LEU C 457 -29.89 12.57 17.50
C LEU C 457 -30.40 13.94 17.09
N GLN C 458 -31.66 14.22 17.40
CA GLN C 458 -32.22 15.55 17.12
C GLN C 458 -31.51 16.59 17.96
N ARG C 459 -31.14 16.21 19.18
CA ARG C 459 -30.36 17.05 20.06
C ARG C 459 -28.87 16.71 19.97
N HIS C 460 -28.30 16.87 18.78
CA HIS C 460 -26.91 16.51 18.55
C HIS C 460 -26.06 17.75 18.25
N GLU C 461 -24.78 17.69 18.62
CA GLU C 461 -23.87 18.82 18.47
C GLU C 461 -23.70 19.26 17.02
N ASN C 462 -23.55 18.30 16.11
CA ASN C 462 -23.39 18.63 14.70
C ASN C 462 -24.69 19.12 14.07
N GLU C 463 -24.57 20.14 13.22
CA GLU C 463 -25.73 20.76 12.60
C GLU C 463 -26.50 19.79 11.69
N SER C 464 -25.79 19.16 10.75
CA SER C 464 -26.43 18.31 9.77
C SER C 464 -26.96 17.00 10.37
N VAL C 465 -26.40 16.59 11.50
CA VAL C 465 -26.93 15.44 12.22
C VAL C 465 -28.30 15.79 12.80
N TYR C 466 -28.34 16.86 13.59
CA TYR C 466 -29.58 17.35 14.17
C TYR C 466 -30.64 17.54 13.09
N LYS C 467 -30.24 18.17 11.99
CA LYS C 467 -31.14 18.44 10.88
C LYS C 467 -31.72 17.17 10.26
N ALA C 468 -30.84 16.25 9.88
CA ALA C 468 -31.27 15.04 9.18
C ALA C 468 -32.18 14.17 10.05
N SER C 469 -31.89 14.11 11.35
CA SER C 469 -32.64 13.27 12.27
C SER C 469 -34.05 13.82 12.51
N LEU C 470 -34.14 15.12 12.73
CA LEU C 470 -35.44 15.77 12.88
C LEU C 470 -36.27 15.64 11.61
N ASN C 471 -35.59 15.78 10.48
CA ASN C 471 -36.24 15.65 9.18
C ASN C 471 -36.87 14.28 9.00
N LEU C 472 -36.19 13.24 9.50
CA LEU C 472 -36.69 11.89 9.39
C LEU C 472 -37.96 11.69 10.20
N ILE C 473 -37.93 12.13 11.45
CA ILE C 473 -39.07 12.02 12.34
C ILE C 473 -40.25 12.85 11.85
N GLU C 474 -39.95 14.06 11.39
CA GLU C 474 -40.99 14.98 10.92
C GLU C 474 -41.56 14.55 9.56
N LYS C 475 -41.11 13.42 9.04
CA LYS C 475 -41.58 12.96 7.75
C LYS C 475 -41.98 11.48 7.73
N TYR C 476 -41.63 10.74 8.77
CA TYR C 476 -41.91 9.31 8.78
C TYR C 476 -42.36 8.75 10.13
N PHE C 477 -42.16 9.51 11.20
CA PHE C 477 -42.49 9.00 12.54
C PHE C 477 -43.77 9.63 13.08
#